data_3UIR
#
_entry.id   3UIR
#
_cell.length_a   81.901
_cell.length_b   48.019
_cell.length_c   82.627
_cell.angle_alpha   90.00
_cell.angle_beta   102.08
_cell.angle_gamma   90.00
#
_symmetry.space_group_name_H-M   'P 1 21 1'
#
loop_
_entity.id
_entity.type
_entity.pdbx_description
1 polymer 'Plasmin light chain B'
2 polymer Textilinin-1
3 non-polymer 'SULFATE ION'
4 water water
#
loop_
_entity_poly.entity_id
_entity_poly.type
_entity_poly.pdbx_seq_one_letter_code
_entity_poly.pdbx_strand_id
1 'polypeptide(L)'
;SFDCGKPQVEPKKCPGRVVGGCVAHPHSWPWQVSLRTRFGMHFCGGTLISPEWVLTAAHCLEKSPRPSSYKVILGAHQEV
NLEPHVQEIEVSRLFLEPTRKDIALLKLSSPAVITDKVIPACLPSPNYVVADRTECFITGWGETQGTFGAGLLKEAQLPV
IENKVCNRYEFLNGRVQSTELCAGHLAGGTDSCQGDSGGPLVCFEKDKYILQGVTSWGLGCARPNKPGVYVRVSRFVTWI
EGVMRNN
;
A,B
2 'polypeptide(L)' KDRPDFCELPADTGPCRVRFPSFYYNPDEKKCLEFIYGGCEGNANNFITKEECESTCAA C,D
#
# COMPACT_ATOMS: atom_id res chain seq x y z
N ASP A 3 -31.36 -33.59 -10.26
CA ASP A 3 -31.08 -33.46 -8.83
C ASP A 3 -30.18 -32.26 -8.53
N CYS A 4 -30.74 -31.27 -7.85
CA CYS A 4 -29.97 -30.09 -7.46
C CYS A 4 -29.09 -30.38 -6.25
N GLY A 5 -27.98 -29.67 -6.12
CA GLY A 5 -27.08 -29.82 -4.99
C GLY A 5 -26.22 -31.07 -5.06
N LYS A 6 -26.31 -31.80 -6.16
CA LYS A 6 -25.55 -33.04 -6.34
C LYS A 6 -24.70 -32.99 -7.61
N PRO A 7 -23.41 -32.66 -7.46
CA PRO A 7 -22.48 -32.56 -8.59
C PRO A 7 -22.02 -33.92 -9.12
N GLN A 8 -22.03 -34.08 -10.45
CA GLN A 8 -21.60 -35.33 -11.08
C GLN A 8 -20.08 -35.49 -11.05
N VAL A 9 -19.39 -34.45 -10.61
CA VAL A 9 -17.96 -34.51 -10.34
C VAL A 9 -17.75 -34.26 -8.85
N GLU A 10 -17.38 -35.30 -8.11
CA GLU A 10 -17.20 -35.19 -6.66
C GLU A 10 -16.21 -34.09 -6.28
N PRO A 11 -16.68 -33.12 -5.47
CA PRO A 11 -15.86 -31.97 -5.05
C PRO A 11 -14.68 -32.34 -4.17
N LYS A 12 -13.61 -31.56 -4.28
CA LYS A 12 -12.46 -31.68 -3.39
C LYS A 12 -12.89 -31.21 -2.00
N LYS A 13 -12.34 -31.82 -0.96
CA LYS A 13 -12.51 -31.31 0.39
C LYS A 13 -11.20 -30.67 0.81
N CYS A 14 -11.22 -29.37 1.09
CA CYS A 14 -9.99 -28.60 1.31
C CYS A 14 -9.85 -28.09 2.74
N PRO A 15 -9.17 -28.88 3.61
CA PRO A 15 -8.90 -28.50 5.00
C PRO A 15 -7.60 -27.71 5.12
N VAL A 18 -10.82 -15.90 -4.12
CA VAL A 18 -10.60 -16.62 -2.87
C VAL A 18 -9.13 -16.60 -2.44
N VAL A 19 -8.87 -16.09 -1.25
CA VAL A 19 -7.53 -16.10 -0.67
C VAL A 19 -7.32 -17.42 0.07
N GLY A 20 -6.16 -18.05 -0.12
CA GLY A 20 -5.90 -19.36 0.43
C GLY A 20 -6.79 -20.40 -0.21
N GLY A 21 -7.00 -21.51 0.49
CA GLY A 21 -7.84 -22.58 -0.04
C GLY A 21 -7.17 -23.35 -1.15
N CYS A 22 -7.98 -23.96 -2.03
CA CYS A 22 -7.44 -24.77 -3.11
C CYS A 22 -8.23 -24.58 -4.40
N VAL A 23 -7.57 -24.83 -5.53
CA VAL A 23 -8.25 -24.83 -6.83
C VAL A 23 -9.20 -26.02 -6.86
N ALA A 24 -10.46 -25.78 -7.22
CA ALA A 24 -11.46 -26.85 -7.22
C ALA A 24 -11.31 -27.81 -8.39
N HIS A 25 -11.89 -29.00 -8.26
CA HIS A 25 -12.04 -29.90 -9.39
C HIS A 25 -13.00 -29.25 -10.37
N PRO A 26 -12.63 -29.23 -11.66
CA PRO A 26 -13.51 -28.61 -12.67
C PRO A 26 -14.91 -29.21 -12.66
N HIS A 27 -15.93 -28.35 -12.61
CA HIS A 27 -17.33 -28.75 -12.68
C HIS A 27 -17.83 -29.51 -11.45
N SER A 28 -17.12 -29.36 -10.34
CA SER A 28 -17.51 -29.97 -9.07
C SER A 28 -18.40 -29.01 -8.28
N TRP A 29 -18.41 -27.75 -8.70
CA TRP A 29 -19.34 -26.77 -8.17
C TRP A 29 -20.17 -26.20 -9.33
N PRO A 30 -21.06 -27.03 -9.89
CA PRO A 30 -21.74 -26.77 -11.16
C PRO A 30 -22.65 -25.55 -11.10
N TRP A 31 -23.10 -25.20 -9.90
CA TRP A 31 -23.99 -24.05 -9.71
C TRP A 31 -23.25 -22.71 -9.63
N GLN A 32 -21.91 -22.75 -9.58
CA GLN A 32 -21.12 -21.53 -9.54
C GLN A 32 -21.33 -20.72 -10.82
N VAL A 33 -21.54 -19.42 -10.65
CA VAL A 33 -21.76 -18.52 -11.76
C VAL A 33 -20.70 -17.42 -11.76
N SER A 34 -20.22 -17.05 -12.95
CA SER A 34 -19.38 -15.87 -13.08
C SER A 34 -20.21 -14.73 -13.68
N LEU A 35 -20.51 -13.73 -12.86
CA LEU A 35 -21.28 -12.57 -13.31
C LEU A 35 -20.36 -11.60 -14.05
N ARG A 36 -20.81 -11.11 -15.20
CA ARG A 36 -19.93 -10.29 -16.04
C ARG A 36 -20.55 -9.05 -16.69
N THR A 37 -19.67 -8.14 -17.10
CA THR A 37 -20.04 -7.00 -17.92
C THR A 37 -20.21 -7.49 -19.35
N ARG A 38 -20.72 -6.63 -20.24
CA ARG A 38 -20.85 -6.98 -21.64
C ARG A 38 -19.48 -7.16 -22.29
N PHE A 39 -18.49 -6.46 -21.74
CA PHE A 39 -17.10 -6.64 -22.17
C PHE A 39 -16.66 -8.08 -21.91
N GLY A 40 -17.02 -8.59 -20.74
CA GLY A 40 -16.74 -9.98 -20.40
C GLY A 40 -15.73 -10.15 -19.29
N MET A 41 -15.60 -9.12 -18.44
CA MET A 41 -14.69 -9.20 -17.30
C MET A 41 -15.43 -9.69 -16.06
N HIS A 42 -14.86 -10.67 -15.38
CA HIS A 42 -15.44 -11.19 -14.14
C HIS A 42 -15.32 -10.17 -13.00
N PHE A 43 -16.44 -9.85 -12.36
CA PHE A 43 -16.43 -8.91 -11.24
C PHE A 43 -17.23 -9.42 -10.04
N CYS A 44 -17.92 -10.54 -10.21
CA CYS A 44 -18.79 -11.07 -9.16
C CYS A 44 -19.13 -12.54 -9.32
N GLY A 45 -19.62 -13.14 -8.24
CA GLY A 45 -20.13 -14.49 -8.28
C GLY A 45 -21.64 -14.52 -8.39
N GLY A 46 -22.19 -15.73 -8.52
CA GLY A 46 -23.62 -15.93 -8.62
C GLY A 46 -23.91 -17.39 -8.36
N THR A 47 -25.17 -17.71 -8.07
CA THR A 47 -25.53 -19.09 -7.77
C THR A 47 -26.80 -19.53 -8.51
N LEU A 48 -26.64 -20.51 -9.40
CA LEU A 48 -27.77 -21.11 -10.11
C LEU A 48 -28.65 -21.86 -9.11
N ILE A 49 -29.84 -21.34 -8.84
CA ILE A 49 -30.76 -21.95 -7.90
C ILE A 49 -31.91 -22.64 -8.65
N SER A 50 -31.99 -22.36 -9.95
CA SER A 50 -32.99 -22.93 -10.85
C SER A 50 -32.55 -22.55 -12.27
N PRO A 51 -33.04 -23.29 -13.30
CA PRO A 51 -32.61 -23.04 -14.69
C PRO A 51 -32.67 -21.59 -15.17
N GLU A 52 -33.70 -20.85 -14.77
CA GLU A 52 -33.85 -19.45 -15.20
C GLU A 52 -33.40 -18.43 -14.17
N TRP A 53 -32.93 -18.90 -13.01
CA TRP A 53 -32.63 -18.00 -11.90
C TRP A 53 -31.23 -18.14 -11.33
N VAL A 54 -30.58 -16.99 -11.13
CA VAL A 54 -29.28 -16.93 -10.46
C VAL A 54 -29.35 -16.01 -9.26
N LEU A 55 -28.88 -16.49 -8.11
CA LEU A 55 -28.84 -15.68 -6.90
C LEU A 55 -27.47 -15.02 -6.77
N THR A 56 -27.45 -13.73 -6.44
CA THR A 56 -26.20 -12.97 -6.30
C THR A 56 -26.33 -11.94 -5.19
N ALA A 57 -25.34 -11.06 -5.06
CA ALA A 57 -25.39 -9.96 -4.10
C ALA A 57 -25.75 -8.63 -4.80
N ALA A 58 -26.52 -7.80 -4.11
CA ALA A 58 -27.04 -6.56 -4.70
C ALA A 58 -25.97 -5.53 -5.08
N HIS A 59 -24.86 -5.53 -4.34
CA HIS A 59 -23.75 -4.63 -4.63
C HIS A 59 -23.14 -4.87 -6.02
N CYS A 60 -23.32 -6.08 -6.56
CA CYS A 60 -22.86 -6.40 -7.91
C CYS A 60 -23.65 -5.63 -8.97
N LEU A 61 -24.89 -5.29 -8.65
CA LEU A 61 -25.78 -4.62 -9.60
C LEU A 61 -25.93 -3.12 -9.31
N GLU A 62 -24.96 -2.55 -8.62
CA GLU A 62 -25.03 -1.16 -8.15
C GLU A 62 -25.10 -0.11 -9.26
N LYS A 63 -24.15 -0.19 -10.18
CA LYS A 63 -23.98 0.85 -11.20
C LYS A 63 -25.22 1.02 -12.08
N SER A 64 -25.59 -0.02 -12.82
CA SER A 64 -26.75 0.04 -13.70
C SER A 64 -27.84 -0.93 -13.27
N PRO A 65 -29.11 -0.53 -13.47
CA PRO A 65 -30.26 -1.42 -13.27
C PRO A 65 -30.61 -2.14 -14.57
N ARG A 66 -29.86 -1.85 -15.64
CA ARG A 66 -30.05 -2.52 -16.92
C ARG A 66 -29.69 -4.01 -16.82
N PRO A 67 -30.69 -4.89 -17.00
CA PRO A 67 -30.43 -6.33 -16.90
C PRO A 67 -29.58 -6.84 -18.06
N SER A 68 -29.65 -6.14 -19.19
CA SER A 68 -28.89 -6.51 -20.40
C SER A 68 -27.42 -6.16 -20.28
N SER A 69 -27.06 -5.37 -19.26
CA SER A 69 -25.66 -5.06 -18.99
C SER A 69 -25.01 -6.17 -18.17
N TYR A 70 -25.78 -7.21 -17.84
CA TYR A 70 -25.26 -8.34 -17.08
C TYR A 70 -25.26 -9.65 -17.87
N LYS A 71 -24.20 -10.43 -17.66
CA LYS A 71 -23.95 -11.63 -18.42
C LYS A 71 -23.64 -12.78 -17.46
N VAL A 72 -24.30 -13.92 -17.66
CA VAL A 72 -24.13 -15.07 -16.78
C VAL A 72 -23.32 -16.18 -17.44
N ILE A 73 -22.20 -16.55 -16.83
CA ILE A 73 -21.34 -17.62 -17.38
C ILE A 73 -21.46 -18.88 -16.54
N LEU A 74 -21.73 -20.01 -17.21
CA LEU A 74 -22.01 -21.27 -16.54
C LEU A 74 -21.11 -22.41 -17.02
N GLY A 75 -20.70 -23.27 -16.09
CA GLY A 75 -19.89 -24.42 -16.42
C GLY A 75 -18.42 -24.10 -16.62
N ALA A 76 -17.99 -22.95 -16.10
CA ALA A 76 -16.60 -22.51 -16.25
C ALA A 76 -15.70 -23.06 -15.14
N HIS A 77 -14.40 -23.08 -15.41
CA HIS A 77 -13.39 -23.38 -14.40
C HIS A 77 -12.33 -22.29 -14.47
N GLN A 78 -12.13 -21.78 -15.68
CA GLN A 78 -11.20 -20.67 -15.90
C GLN A 78 -11.95 -19.34 -15.97
N GLU A 79 -11.42 -18.35 -15.26
CA GLU A 79 -12.01 -17.01 -15.21
C GLU A 79 -11.91 -16.31 -16.57
N VAL A 80 -10.80 -16.53 -17.27
CA VAL A 80 -10.54 -15.84 -18.53
C VAL A 80 -10.66 -16.75 -19.76
N ASN A 81 -9.85 -17.80 -19.80
CA ASN A 81 -9.90 -18.76 -20.89
C ASN A 81 -11.07 -19.74 -20.73
N LEU A 82 -12.27 -19.27 -21.06
CA LEU A 82 -13.48 -20.05 -20.88
C LEU A 82 -13.43 -21.37 -21.65
N GLU A 83 -13.87 -22.45 -21.00
CA GLU A 83 -13.93 -23.75 -21.64
C GLU A 83 -14.87 -23.68 -22.84
N PRO A 84 -14.57 -24.47 -23.88
CA PRO A 84 -15.41 -24.47 -25.08
C PRO A 84 -16.85 -24.87 -24.77
N HIS A 85 -17.04 -25.73 -23.78
CA HIS A 85 -18.38 -26.21 -23.42
C HIS A 85 -19.16 -25.29 -22.47
N VAL A 86 -18.74 -24.02 -22.38
CA VAL A 86 -19.32 -23.07 -21.42
C VAL A 86 -20.64 -22.43 -21.89
N GLN A 87 -21.50 -22.05 -20.95
CA GLN A 87 -22.78 -21.41 -21.26
C GLN A 87 -22.78 -19.91 -20.96
N GLU A 88 -23.01 -19.11 -21.98
CA GLU A 88 -23.08 -17.65 -21.84
C GLU A 88 -24.51 -17.16 -22.03
N ILE A 89 -25.15 -16.75 -20.94
CA ILE A 89 -26.54 -16.30 -21.00
C ILE A 89 -26.71 -14.88 -20.42
N GLU A 90 -27.41 -14.03 -21.17
CA GLU A 90 -27.71 -12.68 -20.71
C GLU A 90 -28.77 -12.72 -19.62
N VAL A 91 -28.84 -11.65 -18.81
CA VAL A 91 -29.85 -11.54 -17.77
C VAL A 91 -31.10 -10.85 -18.32
N SER A 92 -32.27 -11.40 -18.00
CA SER A 92 -33.55 -10.84 -18.45
C SER A 92 -34.10 -9.81 -17.46
N ARG A 93 -34.04 -10.15 -16.17
CA ARG A 93 -34.56 -9.27 -15.12
C ARG A 93 -33.74 -9.30 -13.83
N LEU A 94 -33.67 -8.16 -13.15
CA LEU A 94 -33.02 -8.06 -11.84
C LEU A 94 -34.08 -7.92 -10.75
N PHE A 95 -33.86 -8.57 -9.61
CA PHE A 95 -34.76 -8.39 -8.47
C PHE A 95 -33.97 -8.12 -7.18
N LEU A 96 -33.90 -6.85 -6.82
CA LEU A 96 -33.28 -6.45 -5.56
C LEU A 96 -34.21 -6.78 -4.40
N GLU A 97 -33.66 -7.36 -3.35
CA GLU A 97 -34.42 -7.67 -2.14
C GLU A 97 -34.93 -6.38 -1.50
N PRO A 98 -36.25 -6.29 -1.25
CA PRO A 98 -36.97 -5.07 -0.80
C PRO A 98 -36.44 -4.41 0.47
N THR A 99 -36.05 -5.16 1.51
CA THR A 99 -35.48 -4.53 2.71
C THR A 99 -34.04 -4.05 2.48
N ARG A 100 -33.64 -4.02 1.21
CA ARG A 100 -32.32 -3.51 0.79
C ARG A 100 -31.14 -4.29 1.36
N LYS A 101 -31.21 -5.61 1.30
CA LYS A 101 -30.09 -6.45 1.74
C LYS A 101 -29.21 -6.81 0.55
N ASP A 102 -28.00 -7.28 0.83
CA ASP A 102 -27.04 -7.57 -0.24
C ASP A 102 -27.32 -8.90 -0.95
N ILE A 103 -28.56 -9.05 -1.42
CA ILE A 103 -28.97 -10.24 -2.14
C ILE A 103 -29.93 -9.85 -3.25
N ALA A 104 -29.76 -10.47 -4.42
CA ALA A 104 -30.57 -10.12 -5.59
C ALA A 104 -30.73 -11.31 -6.52
N LEU A 105 -31.83 -11.32 -7.26
CA LEU A 105 -32.10 -12.39 -8.21
C LEU A 105 -31.93 -11.94 -9.65
N LEU A 106 -31.27 -12.76 -10.44
CA LEU A 106 -31.13 -12.52 -11.88
C LEU A 106 -31.96 -13.55 -12.62
N LYS A 107 -32.92 -13.09 -13.41
CA LYS A 107 -33.66 -13.97 -14.29
C LYS A 107 -32.91 -14.05 -15.61
N LEU A 108 -32.65 -15.27 -16.08
CA LEU A 108 -31.88 -15.46 -17.31
C LEU A 108 -32.76 -15.25 -18.56
N SER A 109 -32.16 -14.68 -19.61
CA SER A 109 -32.88 -14.39 -20.86
C SER A 109 -33.39 -15.66 -21.50
N SER A 110 -32.66 -16.76 -21.28
CA SER A 110 -33.08 -18.09 -21.71
C SER A 110 -32.63 -19.07 -20.62
N PRO A 111 -33.43 -20.12 -20.37
CA PRO A 111 -33.08 -21.06 -19.30
C PRO A 111 -31.76 -21.79 -19.60
N ALA A 112 -30.95 -22.01 -18.58
CA ALA A 112 -29.70 -22.75 -18.75
C ALA A 112 -29.99 -24.22 -19.05
N VAL A 113 -29.09 -24.88 -19.78
CA VAL A 113 -29.24 -26.30 -20.05
C VAL A 113 -28.61 -27.10 -18.91
N ILE A 114 -29.40 -27.92 -18.24
CA ILE A 114 -28.88 -28.70 -17.12
C ILE A 114 -28.06 -29.90 -17.63
N THR A 115 -26.75 -29.81 -17.47
CA THR A 115 -25.83 -30.85 -17.89
C THR A 115 -25.16 -31.43 -16.65
N ASP A 116 -24.03 -32.11 -16.84
CA ASP A 116 -23.26 -32.61 -15.69
C ASP A 116 -22.22 -31.59 -15.25
N LYS A 117 -22.13 -30.49 -15.99
CA LYS A 117 -21.21 -29.41 -15.66
C LYS A 117 -21.99 -28.19 -15.16
N VAL A 118 -23.27 -28.16 -15.49
CA VAL A 118 -24.16 -27.09 -15.03
C VAL A 118 -25.39 -27.70 -14.32
N ILE A 119 -25.36 -27.67 -12.99
CA ILE A 119 -26.44 -28.18 -12.15
C ILE A 119 -26.73 -27.11 -11.10
N PRO A 120 -28.02 -26.88 -10.78
CA PRO A 120 -28.32 -25.86 -9.76
C PRO A 120 -28.13 -26.35 -8.33
N ALA A 121 -28.19 -25.42 -7.37
CA ALA A 121 -28.06 -25.75 -5.95
C ALA A 121 -29.42 -25.77 -5.28
N CYS A 122 -29.48 -26.26 -4.04
CA CYS A 122 -30.75 -26.32 -3.32
C CYS A 122 -30.94 -25.15 -2.35
N LEU A 123 -32.18 -24.70 -2.20
CA LEU A 123 -32.51 -23.63 -1.26
C LEU A 123 -32.80 -24.21 0.13
N PRO A 124 -32.37 -23.51 1.19
CA PRO A 124 -32.54 -23.97 2.57
C PRO A 124 -33.98 -23.80 3.06
N SER A 125 -34.25 -24.20 4.30
CA SER A 125 -35.56 -24.02 4.90
C SER A 125 -35.72 -22.56 5.31
N PRO A 126 -36.95 -22.02 5.23
CA PRO A 126 -37.16 -20.65 5.68
C PRO A 126 -36.80 -20.48 7.16
N ASN A 127 -36.08 -19.41 7.48
CA ASN A 127 -35.64 -19.11 8.85
C ASN A 127 -34.69 -20.14 9.46
N TYR A 128 -34.11 -21.00 8.63
CA TYR A 128 -33.17 -22.02 9.09
C TYR A 128 -31.85 -21.37 9.52
N VAL A 129 -31.28 -21.85 10.62
CA VAL A 129 -30.01 -21.33 11.10
C VAL A 129 -28.94 -22.41 11.07
N VAL A 130 -27.93 -22.22 10.23
CA VAL A 130 -26.80 -23.15 10.20
C VAL A 130 -26.10 -23.14 11.55
N ALA A 131 -25.99 -24.31 12.18
CA ALA A 131 -25.42 -24.42 13.51
C ALA A 131 -23.96 -23.95 13.54
N ASP A 132 -23.52 -23.48 14.71
CA ASP A 132 -22.14 -22.99 14.87
C ASP A 132 -21.13 -24.09 14.53
N ARG A 133 -20.04 -23.69 13.89
CA ARG A 133 -18.93 -24.59 13.51
C ARG A 133 -19.24 -25.59 12.40
N THR A 134 -20.36 -25.41 11.72
CA THR A 134 -20.67 -26.24 10.55
C THR A 134 -19.70 -25.94 9.41
N GLU A 135 -19.11 -26.99 8.86
CA GLU A 135 -18.15 -26.81 7.75
C GLU A 135 -18.86 -26.63 6.40
N CYS A 136 -18.76 -25.42 5.86
CA CYS A 136 -19.36 -25.13 4.55
C CYS A 136 -18.29 -24.87 3.50
N PHE A 137 -18.72 -24.70 2.25
CA PHE A 137 -17.78 -24.45 1.16
C PHE A 137 -17.99 -23.09 0.48
N ILE A 138 -16.88 -22.40 0.22
CA ILE A 138 -16.89 -21.12 -0.46
C ILE A 138 -16.17 -21.29 -1.79
N THR A 139 -16.79 -20.83 -2.88
CA THR A 139 -16.22 -20.95 -4.21
C THR A 139 -16.27 -19.61 -4.95
N GLY A 140 -15.30 -19.38 -5.84
CA GLY A 140 -15.27 -18.16 -6.62
C GLY A 140 -13.93 -17.80 -7.27
N TRP A 141 -13.98 -16.85 -8.20
CA TRP A 141 -12.80 -16.36 -8.89
C TRP A 141 -12.32 -15.02 -8.35
N GLY A 142 -12.49 -14.80 -7.04
CA GLY A 142 -12.07 -13.54 -6.44
C GLY A 142 -10.57 -13.42 -6.29
N GLU A 143 -10.14 -12.29 -5.72
CA GLU A 143 -8.72 -12.05 -5.49
C GLU A 143 -8.10 -13.16 -4.64
N THR A 144 -6.83 -13.48 -4.93
CA THR A 144 -6.13 -14.55 -4.24
C THR A 144 -5.07 -14.01 -3.28
N GLN A 145 -4.70 -12.74 -3.48
CA GLN A 145 -3.75 -12.03 -2.62
C GLN A 145 -2.40 -12.74 -2.49
N GLY A 146 -1.78 -13.03 -3.64
CA GLY A 146 -0.49 -13.69 -3.65
C GLY A 146 -0.58 -15.20 -3.45
N THR A 147 -1.79 -15.73 -3.33
CA THR A 147 -1.97 -17.16 -3.18
C THR A 147 -2.27 -17.83 -4.52
N PHE A 148 -1.92 -19.10 -4.67
CA PHE A 148 -2.06 -19.80 -5.94
C PHE A 148 -3.52 -19.95 -6.37
N GLY A 149 -3.73 -20.18 -7.67
CA GLY A 149 -5.07 -20.40 -8.18
C GLY A 149 -5.68 -19.22 -8.92
N ALA A 150 -4.89 -18.16 -9.08
CA ALA A 150 -5.35 -16.96 -9.77
C ALA A 150 -5.85 -17.27 -11.17
N GLY A 151 -7.12 -17.01 -11.42
CA GLY A 151 -7.70 -17.24 -12.73
C GLY A 151 -8.45 -18.55 -12.82
N LEU A 152 -8.37 -19.38 -11.79
CA LEU A 152 -9.10 -20.64 -11.75
C LEU A 152 -10.14 -20.62 -10.64
N LEU A 153 -11.16 -21.47 -10.75
CA LEU A 153 -12.16 -21.57 -9.70
C LEU A 153 -11.52 -22.09 -8.42
N LYS A 154 -11.51 -21.26 -7.38
CA LYS A 154 -10.95 -21.67 -6.09
C LYS A 154 -12.06 -22.01 -5.11
N GLU A 155 -11.74 -22.89 -4.16
CA GLU A 155 -12.68 -23.24 -3.12
C GLU A 155 -12.04 -23.15 -1.74
N ALA A 156 -12.88 -23.09 -0.70
CA ALA A 156 -12.40 -23.03 0.67
C ALA A 156 -13.42 -23.70 1.58
N GLN A 157 -12.95 -24.59 2.44
CA GLN A 157 -13.83 -25.20 3.43
C GLN A 157 -13.74 -24.39 4.72
N LEU A 158 -14.79 -23.62 5.03
CA LEU A 158 -14.78 -22.75 6.19
C LEU A 158 -15.89 -23.11 7.18
N PRO A 159 -15.61 -23.01 8.48
CA PRO A 159 -16.60 -23.26 9.53
C PRO A 159 -17.53 -22.06 9.76
N VAL A 160 -18.80 -22.33 10.02
CA VAL A 160 -19.76 -21.27 10.32
C VAL A 160 -19.52 -20.71 11.72
N ILE A 161 -19.49 -19.39 11.83
CA ILE A 161 -19.35 -18.74 13.14
C ILE A 161 -20.65 -18.05 13.51
N GLU A 162 -21.28 -18.48 14.60
CA GLU A 162 -22.55 -17.90 15.04
C GLU A 162 -22.40 -16.43 15.37
N ASN A 163 -23.46 -15.66 15.11
CA ASN A 163 -23.42 -14.20 15.20
C ASN A 163 -23.13 -13.66 16.61
N LYS A 164 -23.47 -14.42 17.64
CA LYS A 164 -23.22 -13.99 19.01
C LYS A 164 -21.71 -13.91 19.24
N VAL A 165 -20.99 -14.87 18.65
CA VAL A 165 -19.54 -14.90 18.72
C VAL A 165 -18.93 -13.98 17.67
N CYS A 166 -19.51 -13.98 16.48
CA CYS A 166 -19.01 -13.17 15.38
C CYS A 166 -19.08 -11.67 15.68
N ASN A 167 -20.11 -11.26 16.43
CA ASN A 167 -20.26 -9.86 16.82
C ASN A 167 -19.52 -9.47 18.10
N ARG A 168 -18.70 -10.38 18.63
CA ARG A 168 -17.84 -10.04 19.76
C ARG A 168 -16.87 -8.92 19.35
N TYR A 169 -16.53 -8.07 20.31
CA TYR A 169 -15.60 -6.97 20.07
C TYR A 169 -14.31 -7.42 19.39
N GLU A 170 -13.75 -8.54 19.85
CA GLU A 170 -12.52 -9.10 19.30
C GLU A 170 -12.61 -9.36 17.79
N PHE A 171 -13.83 -9.60 17.31
CA PHE A 171 -14.02 -9.98 15.91
C PHE A 171 -14.65 -8.84 15.10
N LEU A 172 -15.97 -8.84 14.94
CA LEU A 172 -16.61 -7.82 14.10
C LEU A 172 -17.32 -6.72 14.88
N ASN A 173 -17.51 -6.97 16.18
CA ASN A 173 -17.93 -5.92 17.12
C ASN A 173 -19.27 -5.26 16.79
N GLY A 174 -20.34 -6.06 16.76
CA GLY A 174 -21.68 -5.54 16.56
C GLY A 174 -22.04 -5.11 15.15
N ARG A 175 -21.18 -5.44 14.18
CA ARG A 175 -21.45 -5.09 12.78
C ARG A 175 -22.47 -6.01 12.11
N VAL A 176 -22.55 -7.26 12.57
CA VAL A 176 -23.28 -8.30 11.85
C VAL A 176 -24.77 -8.38 12.20
N GLN A 177 -25.63 -8.42 11.18
CA GLN A 177 -27.07 -8.39 11.37
C GLN A 177 -27.69 -9.77 11.55
N SER A 178 -28.98 -9.79 11.89
CA SER A 178 -29.75 -11.02 12.02
C SER A 178 -29.80 -11.76 10.68
N THR A 179 -29.92 -10.99 9.59
CA THR A 179 -30.03 -11.55 8.25
C THR A 179 -28.67 -11.79 7.60
N GLU A 180 -27.65 -11.96 8.43
CA GLU A 180 -26.30 -12.25 7.95
C GLU A 180 -25.72 -13.40 8.77
N LEU A 181 -24.81 -14.17 8.17
CA LEU A 181 -24.06 -15.18 8.92
C LEU A 181 -22.56 -15.02 8.68
N CYS A 182 -21.76 -15.36 9.68
CA CYS A 182 -20.32 -15.24 9.58
C CYS A 182 -19.68 -16.60 9.29
N ALA A 183 -18.53 -16.60 8.62
CA ALA A 183 -17.83 -17.84 8.31
C ALA A 183 -16.34 -17.62 8.07
N GLY A 184 -15.53 -18.59 8.50
CA GLY A 184 -14.10 -18.55 8.25
C GLY A 184 -13.27 -19.07 9.41
N HIS A 185 -11.97 -19.19 9.18
CA HIS A 185 -11.03 -19.53 10.25
C HIS A 185 -10.56 -18.25 10.94
N LEU A 186 -10.63 -18.24 12.27
CA LEU A 186 -10.27 -17.04 13.03
C LEU A 186 -8.77 -16.74 13.01
N ALA A 187 -7.99 -17.73 12.60
CA ALA A 187 -6.54 -17.54 12.46
C ALA A 187 -6.18 -16.82 11.15
N GLY A 188 -7.15 -16.73 10.24
CA GLY A 188 -6.95 -16.04 8.97
C GLY A 188 -6.18 -16.85 7.95
N GLY A 189 -6.08 -16.33 6.73
CA GLY A 189 -5.34 -17.01 5.67
C GLY A 189 -6.21 -17.60 4.59
N THR A 190 -7.47 -17.88 4.92
CA THR A 190 -8.41 -18.45 3.97
C THR A 190 -9.77 -17.75 4.06
N ASP A 191 -10.22 -17.17 2.94
CA ASP A 191 -11.46 -16.37 2.94
C ASP A 191 -11.91 -16.01 1.52
N SER A 192 -13.14 -15.51 1.42
CA SER A 192 -13.64 -14.92 0.18
C SER A 192 -13.03 -13.52 0.05
N CYS A 193 -12.94 -13.03 -1.18
CA CYS A 193 -12.37 -11.70 -1.41
C CYS A 193 -13.12 -10.97 -2.51
N GLN A 194 -12.66 -9.76 -2.84
CA GLN A 194 -13.27 -8.96 -3.90
C GLN A 194 -13.23 -9.71 -5.23
N GLY A 195 -14.40 -10.01 -5.77
CA GLY A 195 -14.50 -10.87 -6.95
C GLY A 195 -15.30 -12.11 -6.63
N ASP A 196 -15.46 -12.39 -5.34
CA ASP A 196 -16.25 -13.53 -4.89
C ASP A 196 -17.66 -13.13 -4.46
N SER A 197 -17.94 -11.82 -4.44
CA SER A 197 -19.25 -11.30 -4.05
C SER A 197 -20.38 -11.94 -4.85
N GLY A 198 -21.49 -12.23 -4.18
CA GLY A 198 -22.60 -12.91 -4.83
C GLY A 198 -22.42 -14.42 -4.87
N GLY A 199 -21.19 -14.85 -4.62
CA GLY A 199 -20.85 -16.26 -4.65
C GLY A 199 -21.57 -17.09 -3.62
N PRO A 200 -21.66 -18.41 -3.88
CA PRO A 200 -22.37 -19.32 -2.99
C PRO A 200 -21.56 -19.72 -1.76
N LEU A 201 -22.22 -19.75 -0.61
CA LEU A 201 -21.71 -20.44 0.57
C LEU A 201 -22.61 -21.65 0.75
N VAL A 202 -22.15 -22.82 0.31
CA VAL A 202 -22.99 -24.01 0.34
C VAL A 202 -22.66 -24.92 1.52
N CYS A 203 -23.70 -25.51 2.10
CA CYS A 203 -23.53 -26.48 3.18
C CYS A 203 -24.05 -27.85 2.76
N PHE A 204 -23.22 -28.87 2.90
CA PHE A 204 -23.63 -30.25 2.64
C PHE A 204 -24.52 -30.71 3.79
N GLU A 205 -25.82 -30.83 3.55
CA GLU A 205 -26.77 -31.16 4.60
C GLU A 205 -27.28 -32.60 4.58
N LYS A 206 -28.37 -32.85 3.87
CA LYS A 206 -28.92 -34.19 3.77
C LYS A 206 -27.93 -35.17 3.12
N ASP A 207 -27.75 -35.01 1.82
CA ASP A 207 -26.82 -35.83 1.06
C ASP A 207 -26.45 -35.04 -0.19
N LYS A 208 -26.55 -33.72 -0.07
CA LYS A 208 -26.38 -32.80 -1.19
C LYS A 208 -25.99 -31.42 -0.68
N TYR A 209 -25.60 -30.53 -1.59
CA TYR A 209 -25.18 -29.20 -1.22
C TYR A 209 -26.35 -28.21 -1.17
N ILE A 210 -26.42 -27.45 -0.09
CA ILE A 210 -27.50 -26.50 0.12
C ILE A 210 -26.96 -25.09 0.35
N LEU A 211 -27.45 -24.15 -0.46
CA LEU A 211 -27.01 -22.75 -0.42
C LEU A 211 -27.49 -22.03 0.84
N GLN A 212 -26.55 -21.70 1.73
CA GLN A 212 -26.92 -21.08 3.00
C GLN A 212 -26.44 -19.63 3.12
N GLY A 213 -25.51 -19.22 2.27
CA GLY A 213 -24.99 -17.87 2.33
C GLY A 213 -24.60 -17.26 0.99
N VAL A 214 -24.59 -15.93 0.93
CA VAL A 214 -24.13 -15.21 -0.24
C VAL A 214 -22.98 -14.29 0.15
N THR A 215 -21.84 -14.45 -0.53
CA THR A 215 -20.65 -13.66 -0.24
C THR A 215 -20.94 -12.17 -0.30
N SER A 216 -20.82 -11.51 0.84
CA SER A 216 -21.17 -10.10 0.95
C SER A 216 -19.95 -9.23 1.24
N TRP A 217 -19.50 -9.26 2.50
CA TRP A 217 -18.39 -8.41 2.91
C TRP A 217 -17.50 -9.06 3.96
N GLY A 218 -16.51 -8.28 4.39
CA GLY A 218 -15.59 -8.66 5.45
C GLY A 218 -14.66 -7.49 5.69
N LEU A 219 -14.09 -7.39 6.89
CA LEU A 219 -13.14 -6.32 7.17
C LEU A 219 -11.75 -6.74 6.70
N GLY A 220 -11.49 -6.55 5.40
CA GLY A 220 -10.29 -7.08 4.78
C GLY A 220 -10.53 -8.50 4.28
N CYS A 221 -9.51 -9.10 3.67
CA CYS A 221 -9.62 -10.49 3.21
C CYS A 221 -8.66 -11.40 3.98
N ALA A 222 -9.18 -12.54 4.43
CA ALA A 222 -8.36 -13.57 5.09
C ALA A 222 -7.54 -13.08 6.29
N ARG A 223 -8.06 -12.09 7.01
CA ARG A 223 -7.37 -11.55 8.18
C ARG A 223 -7.75 -12.30 9.45
N PRO A 224 -6.80 -12.45 10.37
CA PRO A 224 -7.03 -13.08 11.68
C PRO A 224 -8.16 -12.39 12.43
N ASN A 225 -9.06 -13.17 13.03
CA ASN A 225 -10.17 -12.65 13.82
C ASN A 225 -11.15 -11.79 13.01
N LYS A 226 -11.07 -11.91 11.69
CA LYS A 226 -11.97 -11.18 10.81
C LYS A 226 -12.69 -12.13 9.83
N PRO A 227 -13.71 -12.84 10.35
CA PRO A 227 -14.49 -13.78 9.54
C PRO A 227 -15.26 -13.05 8.44
N GLY A 228 -15.60 -13.76 7.37
CA GLY A 228 -16.39 -13.16 6.31
C GLY A 228 -17.86 -13.12 6.67
N VAL A 229 -18.54 -12.05 6.28
CA VAL A 229 -19.98 -11.94 6.51
C VAL A 229 -20.76 -12.28 5.25
N TYR A 230 -21.78 -13.11 5.39
CA TYR A 230 -22.57 -13.59 4.27
C TYR A 230 -24.05 -13.33 4.49
N VAL A 231 -24.76 -13.00 3.42
CA VAL A 231 -26.20 -12.83 3.51
C VAL A 231 -26.84 -14.16 3.90
N ARG A 232 -27.54 -14.18 5.03
CA ARG A 232 -28.23 -15.38 5.48
C ARG A 232 -29.41 -15.69 4.57
N VAL A 233 -29.20 -16.63 3.64
CA VAL A 233 -30.18 -16.95 2.60
C VAL A 233 -31.52 -17.46 3.12
N SER A 234 -31.49 -18.24 4.19
CA SER A 234 -32.71 -18.83 4.75
C SER A 234 -33.75 -17.79 5.16
N ARG A 235 -33.30 -16.54 5.34
CA ARG A 235 -34.20 -15.45 5.69
C ARG A 235 -34.92 -14.89 4.46
N PHE A 236 -34.43 -15.22 3.27
CA PHE A 236 -34.98 -14.67 2.04
C PHE A 236 -35.55 -15.73 1.10
N VAL A 237 -35.57 -16.98 1.56
CA VAL A 237 -36.13 -18.09 0.78
C VAL A 237 -37.55 -17.79 0.31
N THR A 238 -38.44 -17.50 1.25
CA THR A 238 -39.84 -17.17 0.95
C THR A 238 -39.94 -16.07 -0.10
N TRP A 239 -39.10 -15.04 0.02
CA TRP A 239 -39.03 -13.99 -0.99
C TRP A 239 -38.57 -14.52 -2.34
N ILE A 240 -37.55 -15.37 -2.31
CA ILE A 240 -37.00 -15.96 -3.54
C ILE A 240 -38.02 -16.84 -4.27
N GLU A 241 -38.75 -17.66 -3.50
CA GLU A 241 -39.79 -18.52 -4.07
C GLU A 241 -40.83 -17.69 -4.80
N GLY A 242 -41.34 -16.67 -4.13
CA GLY A 242 -42.39 -15.81 -4.68
C GLY A 242 -41.98 -14.98 -5.87
N VAL A 243 -40.69 -14.65 -5.96
CA VAL A 243 -40.17 -13.96 -7.14
C VAL A 243 -40.13 -14.91 -8.34
N MET A 244 -39.61 -16.12 -8.10
CA MET A 244 -39.48 -17.12 -9.16
C MET A 244 -40.82 -17.55 -9.76
N ARG A 245 -41.83 -17.65 -8.90
CA ARG A 245 -43.13 -18.16 -9.34
C ARG A 245 -44.05 -17.08 -9.92
N ASN A 246 -43.89 -15.84 -9.46
CA ASN A 246 -44.72 -14.75 -9.95
C ASN A 246 -44.08 -13.95 -11.09
N ASN A 247 -42.78 -14.16 -11.31
CA ASN A 247 -42.05 -13.49 -12.39
C ASN A 247 -41.45 -14.46 -13.41
N SER B 1 30.08 -9.26 -1.60
CA SER B 1 31.26 -8.57 -2.09
C SER B 1 31.75 -7.55 -1.06
N PHE B 2 32.71 -7.95 -0.24
CA PHE B 2 33.20 -7.12 0.87
C PHE B 2 34.00 -5.90 0.42
N ASP B 3 34.85 -5.40 1.32
CA ASP B 3 35.65 -4.20 1.11
C ASP B 3 34.78 -2.94 0.98
N CYS B 4 34.79 -2.10 2.01
CA CYS B 4 33.93 -0.92 2.05
C CYS B 4 34.37 0.16 1.06
N GLY B 5 33.46 1.05 0.71
CA GLY B 5 33.77 2.19 -0.15
C GLY B 5 34.01 1.84 -1.61
N LYS B 6 33.80 0.58 -1.98
CA LYS B 6 34.07 0.14 -3.34
C LYS B 6 32.87 -0.58 -3.96
N PRO B 7 32.12 0.12 -4.81
CA PRO B 7 30.98 -0.48 -5.53
C PRO B 7 31.42 -1.44 -6.65
N GLN B 8 30.68 -2.53 -6.82
CA GLN B 8 30.95 -3.49 -7.88
C GLN B 8 30.36 -3.01 -9.20
N VAL B 9 29.32 -2.20 -9.12
CA VAL B 9 28.82 -1.47 -10.27
C VAL B 9 29.48 -0.10 -10.27
N GLU B 10 30.36 0.15 -11.24
CA GLU B 10 31.07 1.42 -11.32
C GLU B 10 30.10 2.56 -11.57
N PRO B 11 30.05 3.52 -10.63
CA PRO B 11 29.12 4.66 -10.70
C PRO B 11 29.34 5.51 -11.94
N LYS B 12 28.25 6.03 -12.52
CA LYS B 12 28.35 6.98 -13.63
C LYS B 12 28.59 8.36 -13.03
N LYS B 13 28.88 9.33 -13.89
CA LYS B 13 29.14 10.68 -13.42
C LYS B 13 28.12 11.68 -14.00
N CYS B 14 27.84 12.73 -13.23
CA CYS B 14 27.01 13.82 -13.70
C CYS B 14 27.75 15.14 -13.62
N PRO B 15 28.56 15.44 -14.65
CA PRO B 15 29.34 16.68 -14.71
C PRO B 15 28.56 17.80 -15.41
N VAL B 18 16.74 14.54 -4.75
CA VAL B 18 17.77 15.30 -5.45
C VAL B 18 17.20 16.08 -6.63
N VAL B 19 17.31 17.41 -6.57
CA VAL B 19 16.94 18.26 -7.69
C VAL B 19 18.09 18.28 -8.70
N GLY B 20 17.77 18.20 -9.99
CA GLY B 20 18.79 18.15 -11.02
C GLY B 20 19.61 16.87 -10.93
N GLY B 21 20.89 16.96 -11.26
CA GLY B 21 21.76 15.81 -11.22
C GLY B 21 21.39 14.76 -12.26
N CYS B 22 21.63 13.49 -11.95
CA CYS B 22 21.31 12.39 -12.85
C CYS B 22 20.83 11.17 -12.07
N VAL B 23 20.15 10.25 -12.77
CA VAL B 23 19.77 8.97 -12.19
C VAL B 23 21.02 8.08 -12.11
N ALA B 24 21.13 7.30 -11.04
CA ALA B 24 22.32 6.47 -10.82
C ALA B 24 22.22 5.10 -11.51
N HIS B 25 23.37 4.54 -11.86
CA HIS B 25 23.44 3.15 -12.25
C HIS B 25 22.99 2.34 -11.03
N PRO B 26 22.00 1.44 -11.23
CA PRO B 26 21.51 0.60 -10.14
C PRO B 26 22.63 -0.10 -9.37
N HIS B 27 22.68 0.13 -8.05
CA HIS B 27 23.59 -0.54 -7.13
C HIS B 27 25.06 -0.09 -7.26
N SER B 28 25.27 1.09 -7.82
CA SER B 28 26.59 1.71 -7.87
C SER B 28 26.86 2.51 -6.60
N TRP B 29 25.83 2.62 -5.76
CA TRP B 29 25.95 3.26 -4.44
C TRP B 29 25.38 2.34 -3.36
N PRO B 30 26.02 1.18 -3.14
CA PRO B 30 25.45 0.07 -2.36
C PRO B 30 25.13 0.43 -0.91
N TRP B 31 25.78 1.46 -0.38
CA TRP B 31 25.58 1.89 1.01
C TRP B 31 24.36 2.80 1.22
N GLN B 32 23.72 3.21 0.12
CA GLN B 32 22.53 4.07 0.22
C GLN B 32 21.38 3.35 0.92
N VAL B 33 20.77 4.01 1.89
CA VAL B 33 19.69 3.42 2.67
C VAL B 33 18.39 4.20 2.51
N SER B 34 17.27 3.50 2.41
CA SER B 34 15.96 4.13 2.49
C SER B 34 15.38 3.94 3.88
N LEU B 35 15.40 5.01 4.69
CA LEU B 35 14.80 4.98 6.03
C LEU B 35 13.30 5.21 5.93
N ARG B 36 12.51 4.22 6.31
CA ARG B 36 11.07 4.28 6.14
C ARG B 36 10.31 4.04 7.46
N THR B 37 8.99 4.23 7.41
CA THR B 37 8.13 3.86 8.53
C THR B 37 7.94 2.35 8.53
N ARG B 38 6.92 1.87 9.24
CA ARG B 38 6.59 0.45 9.22
C ARG B 38 5.79 0.10 7.97
N PHE B 39 4.87 0.98 7.59
CA PHE B 39 4.02 0.77 6.41
C PHE B 39 4.80 0.80 5.10
N GLY B 40 5.83 1.64 5.02
CA GLY B 40 6.68 1.68 3.84
C GLY B 40 6.95 3.05 3.24
N MET B 41 6.54 4.10 3.95
CA MET B 41 6.73 5.46 3.45
C MET B 41 8.18 5.93 3.58
N HIS B 42 8.80 6.25 2.44
CA HIS B 42 10.13 6.84 2.43
C HIS B 42 10.08 8.32 2.81
N PHE B 43 11.00 8.74 3.67
CA PHE B 43 11.02 10.13 4.14
C PHE B 43 12.43 10.62 4.44
N CYS B 44 13.37 9.69 4.57
CA CYS B 44 14.74 10.03 4.93
C CYS B 44 15.80 9.15 4.28
N GLY B 45 17.05 9.59 4.36
CA GLY B 45 18.16 8.82 3.85
C GLY B 45 18.96 8.17 4.95
N GLY B 46 19.92 7.34 4.56
CA GLY B 46 20.79 6.66 5.50
C GLY B 46 21.99 6.11 4.77
N THR B 47 23.08 5.88 5.51
CA THR B 47 24.26 5.29 4.90
C THR B 47 24.72 4.11 5.74
N LEU B 48 24.76 2.93 5.12
CA LEU B 48 25.26 1.73 5.79
C LEU B 48 26.76 1.90 5.99
N ILE B 49 27.20 1.98 7.24
CA ILE B 49 28.61 2.16 7.56
C ILE B 49 29.26 0.86 8.02
N SER B 50 28.42 -0.08 8.46
CA SER B 50 28.83 -1.41 8.88
C SER B 50 27.56 -2.27 8.85
N PRO B 51 27.71 -3.61 8.79
CA PRO B 51 26.55 -4.50 8.65
C PRO B 51 25.40 -4.25 9.62
N GLU B 52 25.69 -3.74 10.82
CA GLU B 52 24.65 -3.51 11.82
C GLU B 52 24.28 -2.04 12.02
N TRP B 53 25.04 -1.15 11.41
CA TRP B 53 24.87 0.29 11.68
C TRP B 53 24.54 1.15 10.46
N VAL B 54 23.54 2.02 10.63
CA VAL B 54 23.18 2.98 9.61
C VAL B 54 23.29 4.40 10.15
N LEU B 55 24.09 5.22 9.49
CA LEU B 55 24.26 6.61 9.87
C LEU B 55 23.23 7.47 9.14
N THR B 56 22.50 8.30 9.90
CA THR B 56 21.43 9.13 9.35
C THR B 56 21.39 10.50 10.01
N ALA B 57 20.30 11.24 9.77
CA ALA B 57 20.10 12.55 10.41
C ALA B 57 19.16 12.44 11.61
N ALA B 58 19.31 13.35 12.56
CA ALA B 58 18.54 13.29 13.81
C ALA B 58 17.08 13.73 13.65
N HIS B 59 16.81 14.55 12.64
CA HIS B 59 15.46 15.03 12.40
C HIS B 59 14.59 13.98 11.69
N CYS B 60 15.24 12.99 11.10
CA CYS B 60 14.53 11.86 10.51
C CYS B 60 13.82 11.07 11.61
N LEU B 61 14.39 11.11 12.81
CA LEU B 61 13.87 10.36 13.95
C LEU B 61 13.03 11.26 14.87
N GLU B 62 12.59 12.39 14.32
CA GLU B 62 11.86 13.42 15.08
C GLU B 62 10.62 12.91 15.81
N LYS B 63 9.77 12.19 15.08
CA LYS B 63 8.42 11.90 15.53
C LYS B 63 8.33 10.68 16.44
N SER B 64 9.30 9.77 16.32
CA SER B 64 9.30 8.57 17.14
C SER B 64 10.68 8.25 17.70
N PRO B 65 10.76 8.10 19.04
CA PRO B 65 11.97 7.68 19.74
C PRO B 65 12.07 6.16 19.81
N ARG B 66 11.02 5.45 19.40
CA ARG B 66 11.05 3.99 19.38
C ARG B 66 11.55 3.45 18.03
N PRO B 67 12.59 2.58 18.08
CA PRO B 67 13.27 2.03 16.91
C PRO B 67 12.39 1.09 16.08
N SER B 68 11.32 0.59 16.68
CA SER B 68 10.41 -0.34 16.02
C SER B 68 9.54 0.34 14.95
N SER B 69 9.54 1.68 14.94
CA SER B 69 8.80 2.42 13.93
C SER B 69 9.63 2.61 12.67
N TYR B 70 10.91 2.24 12.73
CA TYR B 70 11.82 2.47 11.62
C TYR B 70 12.25 1.21 10.86
N LYS B 71 12.09 1.24 9.53
CA LYS B 71 12.51 0.14 8.67
C LYS B 71 13.59 0.62 7.69
N VAL B 72 14.62 -0.21 7.52
CA VAL B 72 15.77 0.12 6.68
C VAL B 72 15.75 -0.69 5.38
N ILE B 73 15.77 0.00 4.24
CA ILE B 73 15.75 -0.66 2.94
C ILE B 73 17.13 -0.61 2.27
N LEU B 74 17.62 -1.78 1.86
CA LEU B 74 18.99 -1.94 1.37
C LEU B 74 19.04 -2.66 0.01
N GLY B 75 19.92 -2.19 -0.87
CA GLY B 75 20.07 -2.80 -2.18
C GLY B 75 19.02 -2.34 -3.17
N ALA B 76 18.27 -1.32 -2.77
CA ALA B 76 17.21 -0.77 -3.61
C ALA B 76 17.77 0.19 -4.64
N HIS B 77 16.94 0.48 -5.66
CA HIS B 77 17.23 1.49 -6.66
C HIS B 77 15.93 2.19 -6.98
N GLN B 78 14.86 1.40 -7.08
CA GLN B 78 13.51 1.93 -7.16
C GLN B 78 13.01 2.28 -5.75
N GLU B 79 12.26 3.38 -5.63
CA GLU B 79 11.75 3.83 -4.34
C GLU B 79 10.49 3.08 -3.94
N VAL B 80 9.55 2.99 -4.87
CA VAL B 80 8.27 2.32 -4.62
C VAL B 80 8.35 0.82 -4.86
N ASN B 81 8.42 0.43 -6.12
CA ASN B 81 8.51 -0.99 -6.47
C ASN B 81 9.87 -1.57 -6.16
N LEU B 82 10.11 -1.85 -4.88
CA LEU B 82 11.35 -2.49 -4.44
C LEU B 82 11.60 -3.79 -5.21
N GLU B 83 12.79 -3.91 -5.77
CA GLU B 83 13.20 -5.12 -6.48
C GLU B 83 13.24 -6.30 -5.51
N PRO B 84 13.03 -7.53 -6.01
CA PRO B 84 12.91 -8.71 -5.15
C PRO B 84 14.11 -8.92 -4.21
N HIS B 85 15.32 -8.65 -4.68
CA HIS B 85 16.52 -8.91 -3.90
C HIS B 85 16.81 -7.86 -2.83
N VAL B 86 15.96 -6.84 -2.73
CA VAL B 86 16.11 -5.77 -1.74
C VAL B 86 16.11 -6.34 -0.31
N GLN B 87 16.84 -5.69 0.59
CA GLN B 87 16.86 -6.11 1.99
C GLN B 87 16.08 -5.12 2.86
N GLU B 88 15.21 -5.65 3.71
CA GLU B 88 14.47 -4.82 4.65
C GLU B 88 14.72 -5.30 6.07
N ILE B 89 15.35 -4.46 6.86
CA ILE B 89 15.70 -4.81 8.23
C ILE B 89 15.01 -3.86 9.19
N GLU B 90 14.72 -4.31 10.40
CA GLU B 90 14.13 -3.47 11.42
C GLU B 90 15.24 -2.80 12.23
N VAL B 91 14.96 -1.61 12.77
CA VAL B 91 15.92 -0.91 13.61
C VAL B 91 15.82 -1.37 15.07
N SER B 92 16.96 -1.73 15.65
CA SER B 92 17.03 -2.20 17.04
C SER B 92 17.12 -1.04 18.04
N ARG B 93 18.04 -0.11 17.78
CA ARG B 93 18.25 1.03 18.68
C ARG B 93 18.48 2.33 17.92
N LEU B 94 18.14 3.45 18.55
CA LEU B 94 18.46 4.77 18.02
C LEU B 94 19.54 5.41 18.91
N PHE B 95 20.54 6.01 18.29
CA PHE B 95 21.53 6.78 19.03
C PHE B 95 21.62 8.21 18.48
N LEU B 96 20.95 9.14 19.16
CA LEU B 96 21.02 10.55 18.80
C LEU B 96 22.32 11.15 19.31
N GLU B 97 22.97 11.96 18.47
CA GLU B 97 24.22 12.62 18.85
C GLU B 97 23.97 13.54 20.04
N PRO B 98 24.75 13.35 21.12
CA PRO B 98 24.52 14.03 22.41
C PRO B 98 24.57 15.55 22.35
N THR B 99 25.43 16.15 21.52
CA THR B 99 25.42 17.61 21.38
C THR B 99 24.25 18.11 20.53
N ARG B 100 23.27 17.23 20.31
CA ARG B 100 22.01 17.57 19.64
C ARG B 100 22.24 18.09 18.21
N LYS B 101 23.27 17.57 17.56
CA LYS B 101 23.54 17.89 16.15
C LYS B 101 22.72 16.96 15.25
N ASP B 102 22.51 17.36 14.01
CA ASP B 102 21.63 16.62 13.10
C ASP B 102 22.26 15.32 12.57
N ILE B 103 22.59 14.40 13.47
CA ILE B 103 23.18 13.12 13.09
C ILE B 103 22.83 12.05 14.12
N ALA B 104 22.59 10.83 13.64
CA ALA B 104 22.20 9.72 14.52
C ALA B 104 22.62 8.37 13.96
N LEU B 105 22.64 7.38 14.85
CA LEU B 105 22.99 6.02 14.48
C LEU B 105 21.81 5.08 14.65
N LEU B 106 21.58 4.23 13.66
CA LEU B 106 20.54 3.20 13.76
C LEU B 106 21.19 1.84 13.91
N LYS B 107 20.81 1.10 14.97
CA LYS B 107 21.24 -0.28 15.14
C LYS B 107 20.26 -1.20 14.44
N LEU B 108 20.76 -2.04 13.54
CA LEU B 108 19.89 -2.98 12.83
C LEU B 108 19.60 -4.23 13.67
N SER B 109 18.32 -4.59 13.76
CA SER B 109 17.89 -5.77 14.52
C SER B 109 18.62 -7.04 14.07
N SER B 110 19.11 -7.03 12.83
CA SER B 110 19.97 -8.10 12.32
C SER B 110 20.92 -7.54 11.27
N PRO B 111 22.14 -8.09 11.20
CA PRO B 111 23.14 -7.54 10.27
C PRO B 111 22.71 -7.63 8.82
N ALA B 112 23.17 -6.70 7.99
CA ALA B 112 22.92 -6.75 6.56
C ALA B 112 23.76 -7.86 5.93
N VAL B 113 23.23 -8.53 4.91
CA VAL B 113 24.05 -9.46 4.14
C VAL B 113 24.82 -8.66 3.09
N ILE B 114 26.15 -8.71 3.16
CA ILE B 114 26.97 -7.97 2.20
C ILE B 114 26.98 -8.68 0.84
N THR B 115 26.48 -7.98 -0.17
CA THR B 115 26.44 -8.47 -1.55
C THR B 115 27.05 -7.40 -2.43
N ASP B 116 26.99 -7.57 -3.74
CA ASP B 116 27.48 -6.53 -4.65
C ASP B 116 26.46 -5.40 -4.80
N LYS B 117 25.38 -5.48 -4.05
CA LYS B 117 24.34 -4.46 -4.05
C LYS B 117 24.17 -3.84 -2.65
N VAL B 118 24.72 -4.51 -1.64
CA VAL B 118 24.71 -3.99 -0.28
C VAL B 118 26.12 -4.00 0.29
N ILE B 119 26.79 -2.84 0.23
CA ILE B 119 28.18 -2.70 0.68
C ILE B 119 28.27 -1.44 1.55
N PRO B 120 28.96 -1.54 2.70
CA PRO B 120 29.05 -0.36 3.59
C PRO B 120 29.97 0.73 3.04
N ALA B 121 29.71 1.97 3.42
CA ALA B 121 30.57 3.10 3.05
C ALA B 121 31.74 3.19 4.02
N CYS B 122 32.84 3.82 3.58
CA CYS B 122 33.99 4.01 4.46
C CYS B 122 33.86 5.27 5.31
N LEU B 123 34.55 5.29 6.45
CA LEU B 123 34.54 6.46 7.34
C LEU B 123 35.84 7.25 7.22
N PRO B 124 35.75 8.57 7.42
CA PRO B 124 36.95 9.42 7.34
C PRO B 124 37.71 9.33 8.65
N SER B 125 38.90 9.93 8.69
CA SER B 125 39.64 10.03 9.94
C SER B 125 39.11 11.22 10.74
N PRO B 126 39.20 11.16 12.09
CA PRO B 126 38.63 12.19 12.96
C PRO B 126 39.00 13.62 12.58
N ASN B 127 37.98 14.50 12.53
CA ASN B 127 38.17 15.93 12.30
C ASN B 127 38.76 16.31 10.94
N TYR B 128 38.82 15.35 10.02
CA TYR B 128 39.23 15.59 8.65
C TYR B 128 38.42 16.73 8.02
N VAL B 129 39.10 17.62 7.32
CA VAL B 129 38.41 18.72 6.63
C VAL B 129 38.48 18.51 5.11
N VAL B 130 37.35 18.13 4.51
CA VAL B 130 37.28 17.98 3.06
C VAL B 130 37.61 19.30 2.39
N ALA B 131 38.73 19.34 1.68
CA ALA B 131 39.24 20.59 1.10
C ALA B 131 38.26 21.29 0.17
N ASP B 132 38.47 22.59 -0.05
CA ASP B 132 37.61 23.37 -0.94
C ASP B 132 37.66 22.80 -2.36
N ARG B 133 36.54 22.91 -3.07
CA ARG B 133 36.41 22.50 -4.48
C ARG B 133 36.41 20.99 -4.73
N THR B 134 36.46 20.19 -3.66
CA THR B 134 36.47 18.73 -3.81
C THR B 134 35.16 18.21 -4.41
N GLU B 135 35.26 17.49 -5.53
CA GLU B 135 34.08 16.88 -6.14
C GLU B 135 33.60 15.67 -5.35
N CYS B 136 32.42 15.79 -4.74
CA CYS B 136 31.86 14.68 -3.98
C CYS B 136 30.49 14.29 -4.52
N PHE B 137 29.96 13.15 -4.08
CA PHE B 137 28.69 12.65 -4.59
C PHE B 137 27.56 12.68 -3.57
N ILE B 138 26.38 13.09 -4.03
CA ILE B 138 25.17 13.12 -3.22
C ILE B 138 24.13 12.18 -3.83
N THR B 139 23.60 11.27 -3.02
CA THR B 139 22.60 10.31 -3.49
C THR B 139 21.35 10.29 -2.61
N GLY B 140 20.21 9.92 -3.19
CA GLY B 140 18.97 9.83 -2.44
C GLY B 140 17.70 9.78 -3.28
N TRP B 141 16.58 9.58 -2.62
CA TRP B 141 15.28 9.56 -3.27
C TRP B 141 14.48 10.80 -2.91
N GLY B 142 15.18 11.88 -2.59
CA GLY B 142 14.53 13.13 -2.21
C GLY B 142 13.78 13.80 -3.34
N GLU B 143 13.23 14.98 -3.07
CA GLU B 143 12.46 15.71 -4.08
C GLU B 143 13.29 16.06 -5.31
N THR B 144 12.66 15.97 -6.48
CA THR B 144 13.30 16.32 -7.75
C THR B 144 12.95 17.75 -8.16
N GLN B 145 11.83 18.25 -7.63
CA GLN B 145 11.30 19.56 -7.99
C GLN B 145 11.09 19.68 -9.49
N GLY B 146 10.26 18.80 -10.03
CA GLY B 146 9.95 18.79 -11.45
C GLY B 146 11.06 18.26 -12.34
N THR B 147 12.15 17.80 -11.73
CA THR B 147 13.28 17.25 -12.47
C THR B 147 13.10 15.74 -12.72
N PHE B 148 13.69 15.25 -13.80
CA PHE B 148 13.64 13.83 -14.16
C PHE B 148 14.18 12.92 -13.05
N GLY B 149 13.63 11.70 -12.98
CA GLY B 149 14.18 10.67 -12.12
C GLY B 149 13.45 10.43 -10.81
N ALA B 150 12.19 10.84 -10.74
CA ALA B 150 11.39 10.64 -9.54
C ALA B 150 11.08 9.16 -9.32
N GLY B 151 11.19 8.70 -8.07
CA GLY B 151 10.98 7.30 -7.75
C GLY B 151 12.23 6.46 -7.94
N LEU B 152 13.28 7.08 -8.50
CA LEU B 152 14.55 6.39 -8.72
C LEU B 152 15.65 6.99 -7.85
N LEU B 153 16.61 6.16 -7.45
CA LEU B 153 17.79 6.65 -6.76
C LEU B 153 18.56 7.58 -7.70
N LYS B 154 18.72 8.84 -7.30
CA LYS B 154 19.44 9.81 -8.12
C LYS B 154 20.76 10.21 -7.46
N GLU B 155 21.60 10.90 -8.22
CA GLU B 155 22.88 11.34 -7.70
C GLU B 155 23.24 12.74 -8.21
N ALA B 156 24.13 13.41 -7.49
CA ALA B 156 24.61 14.71 -7.89
C ALA B 156 26.09 14.81 -7.53
N GLN B 157 26.90 15.25 -8.49
CA GLN B 157 28.31 15.47 -8.23
C GLN B 157 28.52 16.94 -7.87
N LEU B 158 28.74 17.20 -6.59
CA LEU B 158 28.83 18.58 -6.10
C LEU B 158 30.22 18.90 -5.57
N PRO B 159 30.69 20.13 -5.81
CA PRO B 159 31.97 20.57 -5.24
C PRO B 159 31.78 21.06 -3.80
N VAL B 160 32.75 20.78 -2.94
CA VAL B 160 32.72 21.23 -1.54
C VAL B 160 33.09 22.72 -1.45
N ILE B 161 32.33 23.45 -0.65
CA ILE B 161 32.62 24.87 -0.37
C ILE B 161 32.97 25.03 1.10
N GLU B 162 34.23 25.38 1.38
CA GLU B 162 34.70 25.58 2.75
C GLU B 162 33.84 26.56 3.55
N ASN B 163 33.62 26.27 4.83
CA ASN B 163 32.77 27.09 5.68
C ASN B 163 33.16 28.57 5.69
N LYS B 164 34.44 28.83 5.50
CA LYS B 164 34.97 30.18 5.40
C LYS B 164 34.31 30.94 4.24
N VAL B 165 34.06 30.24 3.13
CA VAL B 165 33.41 30.84 1.98
C VAL B 165 31.90 30.70 2.08
N CYS B 166 31.44 29.51 2.47
CA CYS B 166 30.01 29.23 2.56
C CYS B 166 29.28 30.19 3.50
N ASN B 167 29.98 30.66 4.54
CA ASN B 167 29.40 31.60 5.50
C ASN B 167 29.41 33.07 5.05
N ARG B 168 29.99 33.36 3.89
CA ARG B 168 30.01 34.73 3.38
C ARG B 168 28.58 35.24 3.16
N TYR B 169 28.40 36.57 3.17
CA TYR B 169 27.08 37.18 3.01
C TYR B 169 26.34 36.69 1.75
N GLU B 170 27.07 36.61 0.64
CA GLU B 170 26.49 36.18 -0.62
C GLU B 170 25.90 34.77 -0.58
N PHE B 171 26.33 33.97 0.40
CA PHE B 171 25.86 32.59 0.48
C PHE B 171 24.96 32.36 1.71
N LEU B 172 25.50 31.71 2.74
CA LEU B 172 24.69 31.31 3.88
C LEU B 172 24.78 32.24 5.10
N ASN B 173 25.65 33.25 5.00
CA ASN B 173 25.66 34.40 5.92
C ASN B 173 25.76 34.07 7.42
N GLY B 174 26.83 33.38 7.82
CA GLY B 174 27.09 33.11 9.22
C GLY B 174 26.23 32.03 9.87
N ARG B 175 25.49 31.28 9.06
CA ARG B 175 24.62 30.21 9.57
C ARG B 175 25.35 28.89 9.80
N VAL B 176 26.42 28.64 9.06
CA VAL B 176 27.05 27.32 9.04
C VAL B 176 27.90 27.03 10.28
N GLN B 177 27.68 25.88 10.90
CA GLN B 177 28.45 25.49 12.07
C GLN B 177 29.79 24.85 11.70
N SER B 178 30.68 24.75 12.69
CA SER B 178 31.98 24.11 12.51
C SER B 178 31.82 22.60 12.25
N THR B 179 30.77 22.02 12.84
CA THR B 179 30.47 20.61 12.65
C THR B 179 29.67 20.36 11.37
N GLU B 180 29.66 21.35 10.49
CA GLU B 180 28.93 21.24 9.22
C GLU B 180 29.84 21.55 8.04
N LEU B 181 29.48 21.05 6.86
CA LEU B 181 30.21 21.40 5.64
C LEU B 181 29.25 21.80 4.54
N CYS B 182 29.74 22.59 3.58
CA CYS B 182 28.91 23.02 2.47
C CYS B 182 29.33 22.33 1.18
N ALA B 183 28.33 21.98 0.38
CA ALA B 183 28.56 21.42 -0.95
C ALA B 183 27.47 21.94 -1.87
N GLY B 184 27.81 22.22 -3.13
CA GLY B 184 26.81 22.68 -4.05
C GLY B 184 27.29 23.26 -5.37
N HIS B 185 26.41 23.15 -6.37
CA HIS B 185 26.59 23.83 -7.64
C HIS B 185 25.99 25.23 -7.48
N LEU B 186 26.85 26.24 -7.36
CA LEU B 186 26.40 27.61 -7.07
C LEU B 186 25.58 28.26 -8.19
N ALA B 187 25.69 27.73 -9.40
CA ALA B 187 24.82 28.17 -10.48
C ALA B 187 23.36 27.85 -10.17
N GLY B 188 23.16 26.78 -9.40
CA GLY B 188 21.83 26.35 -9.03
C GLY B 188 21.32 25.26 -9.96
N GLY B 189 20.18 24.66 -9.60
CA GLY B 189 19.57 23.65 -10.45
C GLY B 189 19.91 22.22 -10.06
N THR B 190 20.92 22.06 -9.20
CA THR B 190 21.32 20.73 -8.74
C THR B 190 21.60 20.77 -7.24
N ASP B 191 20.92 19.91 -6.48
CA ASP B 191 21.00 19.93 -5.03
C ASP B 191 20.25 18.72 -4.47
N SER B 192 20.48 18.41 -3.20
CA SER B 192 19.61 17.50 -2.48
C SER B 192 18.42 18.32 -1.97
N CYS B 193 17.25 17.70 -1.88
CA CYS B 193 16.07 18.40 -1.40
C CYS B 193 15.46 17.63 -0.23
N GLN B 194 14.24 17.99 0.16
CA GLN B 194 13.58 17.28 1.26
C GLN B 194 13.35 15.82 0.86
N GLY B 195 13.71 14.90 1.75
CA GLY B 195 13.65 13.47 1.46
C GLY B 195 15.03 12.86 1.27
N ASP B 196 16.04 13.72 1.18
CA ASP B 196 17.44 13.27 1.07
C ASP B 196 18.18 13.34 2.41
N SER B 197 17.55 13.92 3.43
CA SER B 197 18.15 14.06 4.75
C SER B 197 18.59 12.72 5.33
N GLY B 198 19.80 12.66 5.88
CA GLY B 198 20.32 11.43 6.46
C GLY B 198 21.12 10.62 5.47
N GLY B 199 20.99 10.96 4.19
CA GLY B 199 21.70 10.24 3.15
C GLY B 199 23.16 10.62 3.09
N PRO B 200 23.94 9.88 2.27
CA PRO B 200 25.39 10.08 2.19
C PRO B 200 25.83 11.28 1.33
N LEU B 201 26.98 11.81 1.69
CA LEU B 201 27.79 12.64 0.81
C LEU B 201 29.14 11.97 0.78
N VAL B 202 29.46 11.29 -0.32
CA VAL B 202 30.71 10.54 -0.39
C VAL B 202 31.76 11.23 -1.27
N CYS B 203 33.01 11.20 -0.80
CA CYS B 203 34.12 11.78 -1.56
C CYS B 203 35.16 10.72 -1.91
N PHE B 204 35.43 10.58 -3.20
CA PHE B 204 36.37 9.56 -3.68
C PHE B 204 37.80 9.92 -3.31
N GLU B 205 38.57 8.91 -2.89
CA GLU B 205 39.97 9.13 -2.51
C GLU B 205 40.95 8.47 -3.48
N LYS B 206 41.71 7.50 -2.98
CA LYS B 206 42.65 6.76 -3.82
C LYS B 206 41.91 5.76 -4.69
N ASP B 207 41.13 4.89 -4.06
CA ASP B 207 40.41 3.84 -4.77
C ASP B 207 39.05 3.50 -4.14
N LYS B 208 38.52 4.42 -3.35
CA LYS B 208 37.24 4.19 -2.67
C LYS B 208 36.49 5.46 -2.31
N TYR B 209 35.25 5.27 -1.84
CA TYR B 209 34.40 6.37 -1.45
C TYR B 209 34.32 6.48 0.07
N ILE B 210 34.69 7.64 0.60
CA ILE B 210 34.64 7.88 2.04
C ILE B 210 33.44 8.77 2.37
N LEU B 211 32.68 8.38 3.40
CA LEU B 211 31.53 9.17 3.85
C LEU B 211 32.00 10.44 4.57
N GLN B 212 31.73 11.59 3.99
CA GLN B 212 32.22 12.86 4.53
C GLN B 212 31.11 13.74 5.10
N GLY B 213 29.89 13.57 4.60
CA GLY B 213 28.78 14.37 5.09
C GLY B 213 27.46 13.61 5.14
N VAL B 214 26.54 14.09 5.97
CA VAL B 214 25.18 13.58 5.97
C VAL B 214 24.22 14.74 5.69
N THR B 215 23.36 14.55 4.70
CA THR B 215 22.41 15.58 4.27
C THR B 215 21.61 16.09 5.45
N SER B 216 21.67 17.40 5.68
CA SER B 216 21.02 18.01 6.84
C SER B 216 20.00 19.06 6.40
N TRP B 217 20.48 20.18 5.85
CA TRP B 217 19.61 21.28 5.49
C TRP B 217 20.16 22.18 4.39
N GLY B 218 19.34 23.16 4.03
CA GLY B 218 19.70 24.17 3.04
C GLY B 218 18.59 25.18 2.91
N LEU B 219 18.93 26.43 2.60
CA LEU B 219 17.92 27.46 2.36
C LEU B 219 17.22 27.14 1.03
N GLY B 220 16.11 26.42 1.12
CA GLY B 220 15.42 25.95 -0.07
C GLY B 220 16.18 24.81 -0.74
N CYS B 221 15.85 24.54 -2.01
CA CYS B 221 16.55 23.51 -2.76
C CYS B 221 16.99 24.01 -4.14
N ALA B 222 18.26 23.77 -4.47
CA ALA B 222 18.85 24.13 -5.76
C ALA B 222 18.77 25.62 -6.09
N ARG B 223 18.92 26.47 -5.09
CA ARG B 223 18.95 27.91 -5.31
C ARG B 223 20.37 28.39 -5.65
N PRO B 224 20.47 29.37 -6.55
CA PRO B 224 21.77 29.98 -6.87
C PRO B 224 22.43 30.54 -5.61
N ASN B 225 23.71 30.28 -5.43
CA ASN B 225 24.48 30.75 -4.27
C ASN B 225 23.87 30.37 -2.91
N LYS B 226 23.16 29.25 -2.89
CA LYS B 226 22.63 28.67 -1.65
C LYS B 226 23.01 27.20 -1.58
N PRO B 227 24.28 26.91 -1.24
CA PRO B 227 24.75 25.52 -1.21
C PRO B 227 24.12 24.73 -0.07
N GLY B 228 24.08 23.42 -0.21
CA GLY B 228 23.51 22.57 0.84
C GLY B 228 24.47 22.38 1.99
N VAL B 229 23.91 22.25 3.20
CA VAL B 229 24.72 22.03 4.40
C VAL B 229 24.67 20.57 4.84
N TYR B 230 25.84 20.04 5.19
CA TYR B 230 25.94 18.62 5.55
C TYR B 230 26.66 18.47 6.88
N VAL B 231 26.18 17.54 7.70
CA VAL B 231 26.85 17.25 8.97
C VAL B 231 28.23 16.65 8.70
N ARG B 232 29.28 17.35 9.12
CA ARG B 232 30.66 16.92 8.90
C ARG B 232 30.95 15.63 9.67
N VAL B 233 30.86 14.51 8.96
CA VAL B 233 31.02 13.18 9.56
C VAL B 233 32.29 13.04 10.39
N SER B 234 33.41 13.54 9.84
CA SER B 234 34.70 13.47 10.50
C SER B 234 34.68 13.98 11.95
N ARG B 235 33.78 14.90 12.25
CA ARG B 235 33.63 15.44 13.59
C ARG B 235 32.96 14.47 14.55
N PHE B 236 32.31 13.44 14.01
CA PHE B 236 31.55 12.52 14.83
C PHE B 236 32.01 11.08 14.71
N VAL B 237 33.10 10.87 13.97
CA VAL B 237 33.73 9.56 13.83
C VAL B 237 34.05 8.96 15.21
N THR B 238 34.74 9.73 16.05
CA THR B 238 35.04 9.33 17.43
C THR B 238 33.78 8.88 18.19
N TRP B 239 32.70 9.65 18.06
CA TRP B 239 31.43 9.29 18.69
C TRP B 239 30.81 8.05 18.05
N ILE B 240 30.79 8.03 16.72
CA ILE B 240 30.23 6.91 15.98
C ILE B 240 30.96 5.62 16.34
N GLU B 241 32.30 5.65 16.27
CA GLU B 241 33.13 4.50 16.63
C GLU B 241 32.78 4.00 18.03
N GLY B 242 32.69 4.93 18.98
CA GLY B 242 32.41 4.60 20.37
C GLY B 242 31.07 3.90 20.60
N VAL B 243 30.04 4.36 19.90
CA VAL B 243 28.73 3.73 19.99
C VAL B 243 28.76 2.31 19.40
N MET B 244 29.48 2.16 18.29
CA MET B 244 29.60 0.86 17.62
C MET B 244 30.36 -0.18 18.46
N ARG B 245 31.30 0.29 19.28
CA ARG B 245 32.13 -0.62 20.06
C ARG B 245 31.46 -1.05 21.36
N ASN B 246 30.59 -0.20 21.89
CA ASN B 246 29.97 -0.48 23.19
C ASN B 246 28.47 -0.79 23.12
N ASN B 247 27.97 -1.00 21.90
CA ASN B 247 26.57 -1.36 21.70
C ASN B 247 26.41 -2.41 20.58
N ARG C 3 -6.60 20.69 -7.35
CA ARG C 3 -6.77 19.31 -6.90
C ARG C 3 -7.39 19.24 -5.50
N PRO C 4 -8.67 18.86 -5.42
CA PRO C 4 -9.43 18.69 -4.17
C PRO C 4 -8.67 17.86 -3.11
N ASP C 5 -9.05 18.02 -1.85
CA ASP C 5 -8.36 17.37 -0.73
C ASP C 5 -8.36 15.85 -0.82
N PHE C 6 -9.53 15.26 -1.13
CA PHE C 6 -9.68 13.81 -1.18
C PHE C 6 -8.76 13.10 -2.18
N CYS C 7 -8.10 13.87 -3.04
CA CYS C 7 -7.10 13.33 -3.95
C CYS C 7 -5.89 12.84 -3.15
N GLU C 8 -5.78 13.34 -1.92
CA GLU C 8 -4.68 12.96 -1.03
C GLU C 8 -5.04 11.79 -0.11
N LEU C 9 -6.29 11.36 -0.15
CA LEU C 9 -6.75 10.21 0.65
C LEU C 9 -6.27 8.90 0.02
N PRO C 10 -6.10 7.85 0.86
CA PRO C 10 -5.58 6.57 0.34
C PRO C 10 -6.67 5.72 -0.30
N ALA C 11 -6.27 4.66 -0.99
CA ALA C 11 -7.21 3.77 -1.68
C ALA C 11 -7.99 2.89 -0.72
N ASP C 12 -9.31 3.09 -0.68
CA ASP C 12 -10.17 2.29 0.17
C ASP C 12 -10.98 1.31 -0.66
N THR C 13 -10.57 0.04 -0.66
CA THR C 13 -11.32 -1.01 -1.34
C THR C 13 -12.70 -1.16 -0.72
N GLY C 14 -12.75 -1.15 0.61
CA GLY C 14 -14.00 -1.28 1.34
C GLY C 14 -14.21 -2.68 1.85
N PRO C 15 -15.29 -2.90 2.62
CA PRO C 15 -15.58 -4.21 3.20
C PRO C 15 -16.19 -5.19 2.20
N CYS C 16 -16.99 -4.71 1.26
CA CYS C 16 -17.59 -5.57 0.24
C CYS C 16 -16.50 -6.11 -0.70
N ARG C 17 -16.97 -6.87 -1.70
CA ARG C 17 -16.47 -8.13 -2.26
C ARG C 17 -17.19 -8.40 -3.56
N VAL C 18 -17.37 -7.08 -4.12
CA VAL C 18 -17.36 -7.00 -5.57
C VAL C 18 -15.96 -6.63 -6.06
N ARG C 19 -15.64 -6.98 -7.31
CA ARG C 19 -14.37 -6.58 -7.91
C ARG C 19 -14.57 -5.50 -8.97
N PHE C 20 -14.77 -4.26 -8.52
CA PHE C 20 -14.82 -3.11 -9.41
C PHE C 20 -13.42 -2.52 -9.56
N PRO C 21 -12.74 -2.80 -10.70
CA PRO C 21 -11.44 -2.15 -10.88
C PRO C 21 -11.65 -0.64 -10.99
N SER C 22 -10.86 0.13 -10.25
CA SER C 22 -11.01 1.57 -10.22
C SER C 22 -9.65 2.26 -10.18
N PHE C 23 -9.67 3.58 -10.04
CA PHE C 23 -8.42 4.33 -9.97
C PHE C 23 -8.42 5.29 -8.78
N TYR C 24 -7.25 5.47 -8.20
CA TYR C 24 -7.06 6.44 -7.13
C TYR C 24 -5.82 7.26 -7.48
N TYR C 25 -5.79 8.51 -7.03
CA TYR C 25 -4.59 9.32 -7.22
C TYR C 25 -3.57 8.98 -6.15
N ASN C 26 -2.30 8.86 -6.56
CA ASN C 26 -1.21 8.56 -5.63
C ASN C 26 -0.26 9.76 -5.54
N PRO C 27 -0.46 10.62 -4.53
CA PRO C 27 0.36 11.81 -4.28
C PRO C 27 1.86 11.51 -4.34
N ASP C 28 2.33 10.61 -3.48
CA ASP C 28 3.75 10.27 -3.39
C ASP C 28 4.36 9.77 -4.70
N GLU C 29 3.51 9.39 -5.64
CA GLU C 29 3.95 8.99 -6.97
C GLU C 29 3.48 9.99 -8.04
N LYS C 30 2.57 10.88 -7.65
CA LYS C 30 1.95 11.83 -8.56
C LYS C 30 1.37 11.14 -9.79
N LYS C 31 0.73 10.00 -9.57
CA LYS C 31 0.16 9.21 -10.66
C LYS C 31 -1.21 8.64 -10.28
N CYS C 32 -2.02 8.33 -11.30
CA CYS C 32 -3.29 7.65 -11.06
C CYS C 32 -3.12 6.15 -11.23
N LEU C 33 -3.23 5.41 -10.13
CA LEU C 33 -2.98 3.98 -10.14
C LEU C 33 -4.27 3.17 -10.01
N GLU C 34 -4.21 1.91 -10.40
CA GLU C 34 -5.39 1.04 -10.38
C GLU C 34 -5.56 0.38 -9.02
N PHE C 35 -6.80 0.27 -8.56
CA PHE C 35 -7.11 -0.45 -7.33
C PHE C 35 -8.49 -1.07 -7.43
N ILE C 36 -8.75 -2.07 -6.60
CA ILE C 36 -10.04 -2.75 -6.58
C ILE C 36 -10.98 -2.05 -5.60
N TYR C 37 -12.16 -1.66 -6.07
CA TYR C 37 -13.19 -1.15 -5.16
C TYR C 37 -14.16 -2.27 -4.81
N GLY C 38 -14.46 -2.40 -3.52
CA GLY C 38 -15.27 -3.50 -3.03
C GLY C 38 -16.74 -3.39 -3.35
N GLY C 39 -17.22 -2.18 -3.57
CA GLY C 39 -18.63 -1.99 -3.88
C GLY C 39 -19.40 -1.14 -2.90
N CYS C 40 -18.95 -1.08 -1.64
CA CYS C 40 -19.67 -0.28 -0.65
C CYS C 40 -18.72 0.57 0.18
N GLU C 41 -19.20 1.72 0.64
CA GLU C 41 -18.43 2.62 1.49
C GLU C 41 -17.14 3.04 0.80
N GLY C 42 -16.14 3.45 1.58
CA GLY C 42 -14.88 3.90 1.01
C GLY C 42 -14.74 5.41 1.00
N ASN C 43 -14.07 5.95 -0.02
CA ASN C 43 -13.85 7.41 -0.11
C ASN C 43 -13.97 7.98 -1.52
N ALA C 44 -13.85 9.31 -1.61
CA ALA C 44 -13.98 10.00 -2.90
C ALA C 44 -12.77 9.80 -3.81
N ASN C 45 -11.65 9.32 -3.25
CA ASN C 45 -10.49 8.97 -4.06
C ASN C 45 -10.76 7.65 -4.81
N ASN C 46 -11.79 7.69 -5.64
CA ASN C 46 -12.30 6.51 -6.31
C ASN C 46 -12.84 6.90 -7.68
N PHE C 47 -12.16 6.45 -8.73
CA PHE C 47 -12.54 6.85 -10.09
C PHE C 47 -12.69 5.64 -11.01
N ILE C 48 -13.54 5.79 -12.02
CA ILE C 48 -13.87 4.67 -12.91
C ILE C 48 -12.96 4.67 -14.15
N THR C 49 -12.60 5.86 -14.62
CA THR C 49 -11.61 5.97 -15.70
C THR C 49 -10.30 6.48 -15.14
N LYS C 50 -9.21 6.28 -15.88
CA LYS C 50 -7.93 6.84 -15.49
C LYS C 50 -7.98 8.34 -15.70
N GLU C 51 -8.74 8.76 -16.71
CA GLU C 51 -8.91 10.17 -17.02
C GLU C 51 -9.64 10.93 -15.91
N GLU C 52 -10.69 10.32 -15.36
CA GLU C 52 -11.49 10.96 -14.32
C GLU C 52 -10.62 11.26 -13.10
N CYS C 53 -9.71 10.34 -12.80
CA CYS C 53 -8.76 10.54 -11.71
C CYS C 53 -7.84 11.71 -12.06
N GLU C 54 -7.25 11.65 -13.25
CA GLU C 54 -6.29 12.67 -13.71
C GLU C 54 -6.89 14.07 -13.83
N SER C 55 -8.07 14.17 -14.41
CA SER C 55 -8.75 15.46 -14.58
C SER C 55 -9.18 16.06 -13.24
N THR C 56 -9.21 15.24 -12.20
CA THR C 56 -9.70 15.68 -10.88
C THR C 56 -8.59 15.95 -9.88
N CYS C 57 -7.63 15.03 -9.80
CA CYS C 57 -6.62 15.06 -8.74
C CYS C 57 -5.19 15.27 -9.24
N ALA C 58 -5.01 15.22 -10.55
CA ALA C 58 -3.68 15.41 -11.14
C ALA C 58 -3.55 16.79 -11.76
N ARG D 3 -8.71 31.28 18.63
CA ARG D 3 -7.78 30.57 17.76
C ARG D 3 -6.42 31.26 17.74
N PRO D 4 -5.35 30.50 18.03
CA PRO D 4 -3.98 31.02 18.16
C PRO D 4 -3.53 31.82 16.93
N ASP D 5 -2.79 32.90 17.14
CA ASP D 5 -2.41 33.80 16.05
C ASP D 5 -1.36 33.22 15.09
N PHE D 6 -0.78 32.07 15.42
CA PHE D 6 0.12 31.40 14.49
C PHE D 6 -0.65 30.69 13.37
N CYS D 7 -1.94 30.49 13.59
CA CYS D 7 -2.81 29.86 12.58
C CYS D 7 -2.84 30.68 11.30
N GLU D 8 -2.55 31.98 11.42
CA GLU D 8 -2.57 32.87 10.26
C GLU D 8 -1.18 33.02 9.60
N LEU D 9 -0.22 32.20 10.00
CA LEU D 9 1.11 32.19 9.38
C LEU D 9 1.14 31.31 8.13
N PRO D 10 1.95 31.70 7.14
CA PRO D 10 2.08 30.87 5.94
C PRO D 10 2.81 29.56 6.24
N ALA D 11 2.68 28.58 5.35
CA ALA D 11 3.38 27.31 5.50
C ALA D 11 4.89 27.51 5.42
N ASP D 12 5.63 26.95 6.37
CA ASP D 12 7.08 26.99 6.32
C ASP D 12 7.68 25.59 6.38
N THR D 13 8.10 25.09 5.21
CA THR D 13 8.75 23.79 5.11
C THR D 13 9.98 23.73 6.03
N GLY D 14 10.76 24.80 6.00
CA GLY D 14 11.98 24.87 6.79
C GLY D 14 13.21 24.55 5.96
N PRO D 15 14.40 24.73 6.55
CA PRO D 15 15.68 24.53 5.89
C PRO D 15 16.09 23.05 5.76
N CYS D 16 15.68 22.20 6.70
CA CYS D 16 16.03 20.79 6.64
C CYS D 16 15.18 20.09 5.57
N ARG D 17 15.36 18.75 5.49
CA ARG D 17 15.57 17.92 4.31
C ARG D 17 15.45 16.45 4.72
N VAL D 18 14.32 16.45 5.60
CA VAL D 18 13.51 15.24 5.56
C VAL D 18 12.12 15.52 4.97
N ARG D 19 11.48 14.50 4.41
CA ARG D 19 10.13 14.65 3.88
C ARG D 19 9.06 14.18 4.87
N PHE D 20 8.57 15.10 5.70
CA PHE D 20 7.45 14.82 6.61
C PHE D 20 6.18 15.52 6.12
N PRO D 21 5.30 14.80 5.40
CA PRO D 21 4.04 15.45 5.04
C PRO D 21 3.26 15.86 6.29
N SER D 22 3.01 17.16 6.44
CA SER D 22 2.31 17.71 7.59
C SER D 22 1.15 18.58 7.15
N PHE D 23 0.47 19.19 8.12
CA PHE D 23 -0.70 20.02 7.81
C PHE D 23 -0.57 21.42 8.38
N TYR D 24 -1.02 22.41 7.60
CA TYR D 24 -1.03 23.80 8.05
C TYR D 24 -2.41 24.41 7.78
N TYR D 25 -2.80 25.38 8.59
CA TYR D 25 -4.07 26.06 8.36
C TYR D 25 -3.90 27.23 7.37
N ASN D 26 -4.66 27.17 6.29
CA ASN D 26 -4.64 28.23 5.28
C ASN D 26 -5.78 29.20 5.54
N PRO D 27 -5.45 30.38 6.11
CA PRO D 27 -6.46 31.37 6.49
C PRO D 27 -7.13 32.02 5.29
N ASP D 28 -6.55 31.81 4.11
CA ASP D 28 -7.08 32.39 2.88
C ASP D 28 -8.12 31.48 2.21
N GLU D 29 -7.97 30.17 2.40
CA GLU D 29 -8.96 29.22 1.93
C GLU D 29 -9.83 28.75 3.11
N LYS D 30 -9.42 29.13 4.31
CA LYS D 30 -10.06 28.68 5.55
C LYS D 30 -10.08 27.16 5.68
N LYS D 31 -8.99 26.51 5.26
CA LYS D 31 -8.88 25.06 5.33
C LYS D 31 -7.52 24.64 5.84
N CYS D 32 -7.43 23.44 6.38
CA CYS D 32 -6.13 22.87 6.76
C CYS D 32 -5.59 22.01 5.64
N LEU D 33 -4.53 22.49 4.99
CA LEU D 33 -3.96 21.82 3.82
C LEU D 33 -2.65 21.10 4.14
N GLU D 34 -2.31 20.11 3.32
CA GLU D 34 -1.07 19.36 3.51
C GLU D 34 0.12 20.12 2.92
N PHE D 35 1.24 20.07 3.62
CA PHE D 35 2.50 20.61 3.13
C PHE D 35 3.62 19.73 3.65
N ILE D 36 4.80 19.84 3.05
CA ILE D 36 5.94 19.04 3.48
C ILE D 36 6.80 19.77 4.51
N TYR D 37 6.87 19.21 5.72
CA TYR D 37 7.75 19.77 6.75
C TYR D 37 9.17 19.25 6.58
N GLY D 38 10.13 20.16 6.69
CA GLY D 38 11.53 19.81 6.48
C GLY D 38 12.17 19.08 7.63
N GLY D 39 11.60 19.22 8.83
CA GLY D 39 12.12 18.53 9.99
C GLY D 39 12.74 19.43 11.06
N CYS D 40 12.81 20.74 10.80
CA CYS D 40 13.35 21.68 11.78
C CYS D 40 12.85 23.10 11.52
N GLU D 41 12.96 23.96 12.53
CA GLU D 41 12.52 25.35 12.45
C GLU D 41 11.07 25.50 11.97
N GLY D 42 10.85 26.47 11.10
CA GLY D 42 9.50 26.79 10.65
C GLY D 42 8.74 27.50 11.75
N ASN D 43 7.42 27.41 11.71
CA ASN D 43 6.58 28.04 12.72
C ASN D 43 5.58 27.07 13.34
N ALA D 44 4.72 27.57 14.21
CA ALA D 44 3.76 26.73 14.94
C ALA D 44 2.58 26.28 14.09
N ASN D 45 2.38 26.90 12.92
CA ASN D 45 1.34 26.45 12.00
C ASN D 45 1.78 25.15 11.32
N ASN D 46 1.91 24.10 12.13
CA ASN D 46 2.49 22.84 11.70
C ASN D 46 1.88 21.70 12.49
N PHE D 47 1.12 20.85 11.79
CA PHE D 47 0.40 19.76 12.44
C PHE D 47 0.64 18.44 11.72
N ILE D 48 0.98 17.40 12.49
CA ILE D 48 1.19 16.05 11.97
C ILE D 48 -0.11 15.47 11.44
N THR D 49 -1.21 15.81 12.12
CA THR D 49 -2.53 15.31 11.77
C THR D 49 -3.47 16.45 11.39
N LYS D 50 -4.29 16.22 10.37
CA LYS D 50 -5.20 17.25 9.87
C LYS D 50 -6.25 17.65 10.90
N GLU D 51 -6.70 16.69 11.70
CA GLU D 51 -7.68 16.96 12.76
C GLU D 51 -7.09 17.88 13.83
N GLU D 52 -5.78 17.74 14.07
CA GLU D 52 -5.09 18.62 15.01
C GLU D 52 -5.13 20.07 14.54
N CYS D 53 -4.92 20.25 13.25
CA CYS D 53 -4.93 21.58 12.63
C CYS D 53 -6.31 22.23 12.76
N GLU D 54 -7.35 21.45 12.48
CA GLU D 54 -8.73 21.97 12.46
C GLU D 54 -9.28 22.24 13.86
N SER D 55 -8.99 21.35 14.80
CA SER D 55 -9.42 21.55 16.18
C SER D 55 -8.67 22.70 16.85
N THR D 56 -7.53 23.06 16.26
CA THR D 56 -6.69 24.15 16.79
C THR D 56 -7.05 25.49 16.17
N CYS D 57 -6.98 25.55 14.84
CA CYS D 57 -7.32 26.76 14.10
C CYS D 57 -8.74 26.64 13.56
N ALA D 58 -8.89 26.81 12.25
CA ALA D 58 -10.17 26.62 11.55
C ALA D 58 -11.33 27.56 11.95
N ALA D 59 -11.76 28.37 11.00
CA ALA D 59 -12.90 29.25 11.18
C ALA D 59 -14.20 28.45 11.23
#